data_7GT6
#
_entry.id   7GT6
#
_cell.length_a   90.070
_cell.length_b   90.070
_cell.length_c   106.564
_cell.angle_alpha   90.000
_cell.angle_beta   90.000
_cell.angle_gamma   120.000
#
_symmetry.space_group_name_H-M   'P 31 2 1'
#
loop_
_entity.id
_entity.type
_entity.pdbx_description
1 polymer 'Tyrosine-protein phosphatase non-receptor type 1'
2 non-polymer 2-AMINO-2-HYDROXYMETHYL-PROPANE-1,3-DIOL
3 non-polymer (3aS,8aS)-6-benzoyloctahydropyrrolo[3,4-d]azepin-1(2H)-one
4 water water
#
_entity_poly.entity_id   1
_entity_poly.type   'polypeptide(L)'
_entity_poly.pdbx_seq_one_letter_code
;MEMEKEFEQIDKSGSWAAIYQDIRHEASDFPSRVAKLPKNKNRNRYRDVSPFDHSRIKLHQEDNDYINASLIKMEEAQRS
YILTQGPLPNTVGHFWEMVWEQKSRGVVMLNRVMEKGSLKCAQYWPQKEEKEMIFEDTNLKLTLISEDIKSYYTVRQLEL
ENLTTQETREILHFHYTTWPDFGVPESPASFLNFLFKVRESGSLSPEHGPVVVHCSAGIGRSGTFCLADTCLLLMDKRKD
PSSVDIKKVLLEMRKFRMGLIQTADQLRFSYLAVIEGAKFIMGDSSVQDQWKELSHEDLEPPPEHIPPPPRPPKRILEPH
N
;
_entity_poly.pdbx_strand_id   A
#
loop_
_chem_comp.id
_chem_comp.type
_chem_comp.name
_chem_comp.formula
A1ACK non-polymer (3aS,8aS)-6-benzoyloctahydropyrrolo[3,4-d]azepin-1(2H)-one 'C15 H18 N2 O2'
TRS non-polymer 2-AMINO-2-HYDROXYMETHYL-PROPANE-1,3-DIOL 'C4 H12 N O3 1'
#
# COMPACT_ATOMS: atom_id res chain seq x y z
N MET A 1 -22.70 13.18 8.25
CA MET A 1 -23.76 12.47 7.47
C MET A 1 -23.36 11.01 7.28
N GLU A 2 -24.13 10.07 7.85
CA GLU A 2 -23.96 8.61 7.64
C GLU A 2 -23.54 8.38 6.17
N MET A 3 -22.36 7.78 5.96
CA MET A 3 -21.74 7.62 4.62
C MET A 3 -22.61 6.73 3.72
N GLU A 4 -23.35 5.77 4.28
CA GLU A 4 -24.27 4.84 3.57
C GLU A 4 -25.41 5.63 2.88
N LYS A 5 -25.81 6.77 3.46
CA LYS A 5 -26.86 7.65 2.88
C LYS A 5 -26.18 8.56 1.86
N GLU A 6 -25.03 9.14 2.24
CA GLU A 6 -24.17 9.92 1.32
C GLU A 6 -23.93 9.07 0.06
N PHE A 7 -23.79 7.75 0.20
CA PHE A 7 -23.44 6.80 -0.89
C PHE A 7 -24.60 6.70 -1.89
N GLU A 8 -25.79 6.40 -1.39
CA GLU A 8 -27.04 6.25 -2.18
C GLU A 8 -27.36 7.58 -2.89
N GLN A 9 -27.22 8.71 -2.19
CA GLN A 9 -27.39 10.09 -2.74
C GLN A 9 -26.45 10.31 -3.94
N ILE A 10 -25.16 9.93 -3.85
CA ILE A 10 -24.19 10.11 -4.96
C ILE A 10 -24.56 9.14 -6.10
N ASP A 11 -24.90 7.89 -5.77
CA ASP A 11 -25.22 6.84 -6.77
C ASP A 11 -26.48 7.26 -7.52
N LYS A 12 -27.52 7.65 -6.81
CA LYS A 12 -28.82 8.00 -7.47
C LYS A 12 -28.59 9.23 -8.36
N SER A 13 -27.72 10.15 -7.94
CA SER A 13 -27.42 11.39 -8.70
C SER A 13 -26.34 11.15 -9.75
N GLY A 14 -25.63 10.02 -9.70
CA GLY A 14 -24.50 9.71 -10.60
C GLY A 14 -23.46 10.81 -10.60
N SER A 15 -23.01 11.25 -9.42
CA SER A 15 -22.04 12.37 -9.30
C SER A 15 -20.64 11.90 -8.85
N TRP A 16 -20.27 10.64 -9.07
CA TRP A 16 -18.96 10.11 -8.55
C TRP A 16 -17.83 10.93 -9.17
N ALA A 17 -17.90 11.22 -10.47
CA ALA A 17 -16.87 11.99 -11.21
C ALA A 17 -16.73 13.39 -10.60
N ALA A 18 -17.84 13.98 -10.18
CA ALA A 18 -17.85 15.35 -9.62
C ALA A 18 -17.20 15.35 -8.22
N ILE A 19 -17.58 14.43 -7.34
CA ILE A 19 -16.95 14.28 -5.98
C ILE A 19 -15.44 14.10 -6.15
N TYR A 20 -15.02 13.22 -7.07
CA TYR A 20 -13.60 12.82 -7.25
C TYR A 20 -12.81 14.04 -7.69
N GLN A 21 -13.34 14.79 -8.66
CA GLN A 21 -12.59 15.99 -9.13
C GLN A 21 -12.45 17.02 -8.01
N ASP A 22 -13.44 17.16 -7.13
CA ASP A 22 -13.38 18.08 -5.95
C ASP A 22 -12.17 17.70 -5.05
N ILE A 23 -11.99 16.41 -4.79
CA ILE A 23 -10.81 15.91 -4.02
C ILE A 23 -9.52 16.27 -4.75
N ARG A 24 -9.45 16.03 -6.07
CA ARG A 24 -8.25 16.32 -6.86
C ARG A 24 -7.87 17.80 -6.72
N HIS A 25 -8.87 18.66 -6.70
CA HIS A 25 -8.71 20.14 -6.64
C HIS A 25 -8.20 20.60 -5.26
N GLU A 26 -8.68 20.00 -4.19
CA GLU A 26 -8.34 20.42 -2.79
C GLU A 26 -7.07 19.71 -2.27
N ALA A 27 -6.51 18.74 -3.00
CA ALA A 27 -5.39 17.91 -2.50
C ALA A 27 -4.15 18.78 -2.34
N SER A 28 -3.31 18.43 -1.39
CA SER A 28 -2.01 19.09 -1.10
C SER A 28 -1.06 19.05 -2.30
N ASP A 29 -0.23 20.09 -2.44
CA ASP A 29 0.88 20.14 -3.41
C ASP A 29 2.13 20.56 -2.65
N PHE A 30 3.06 19.62 -2.47
CA PHE A 30 4.32 19.82 -1.77
C PHE A 30 5.43 19.53 -2.77
N PRO A 31 6.66 20.05 -2.55
CA PRO A 31 7.77 19.76 -3.43
C PRO A 31 8.20 18.27 -3.39
N SER A 32 8.61 17.77 -4.56
CA SER A 32 9.29 16.45 -4.76
C SER A 32 10.62 16.69 -5.50
N ARG A 33 11.50 17.54 -4.99
CA ARG A 33 12.76 17.92 -5.71
C ARG A 33 13.74 16.74 -5.79
N VAL A 34 13.89 15.95 -4.72
CA VAL A 34 14.84 14.80 -4.76
C VAL A 34 14.41 13.80 -5.86
N ALA A 35 13.13 13.47 -5.99
CA ALA A 35 12.59 12.49 -6.99
C ALA A 35 12.98 12.93 -8.40
N LYS A 36 13.05 14.25 -8.66
CA LYS A 36 13.26 14.79 -10.02
C LYS A 36 14.74 15.01 -10.34
N LEU A 37 15.68 14.78 -9.42
CA LEU A 37 17.15 14.90 -9.73
C LEU A 37 17.51 13.93 -10.87
N PRO A 38 18.35 14.36 -11.84
CA PRO A 38 18.71 13.47 -12.94
C PRO A 38 19.32 12.12 -12.50
N LYS A 39 20.10 12.08 -11.44
CA LYS A 39 20.69 10.82 -10.91
C LYS A 39 19.58 9.81 -10.55
N ASN A 40 18.30 10.19 -10.46
CA ASN A 40 17.24 9.29 -9.90
C ASN A 40 16.27 8.86 -11.00
N LYS A 41 16.55 9.17 -12.27
CA LYS A 41 15.55 8.93 -13.31
C LYS A 41 15.23 7.42 -13.41
N ASN A 42 16.21 6.55 -13.31
CA ASN A 42 15.93 5.11 -13.46
C ASN A 42 15.41 4.50 -12.14
N ARG A 43 15.11 5.31 -11.12
CA ARG A 43 14.57 4.83 -9.81
C ARG A 43 13.06 5.10 -9.74
N ASN A 44 12.48 5.71 -10.76
CA ASN A 44 11.05 6.03 -10.86
C ASN A 44 10.40 5.26 -12.00
N ARG A 45 9.31 4.60 -11.71
CA ARG A 45 8.56 3.85 -12.71
C ARG A 45 7.79 4.83 -13.59
N TYR A 46 7.15 5.85 -13.00
CA TYR A 46 6.24 6.78 -13.71
C TYR A 46 6.68 8.22 -13.44
N ARG A 47 6.84 8.99 -14.51
CA ARG A 47 7.35 10.38 -14.45
C ARG A 47 6.42 11.27 -13.61
N ASP A 48 5.13 10.97 -13.55
CA ASP A 48 4.10 11.80 -12.87
C ASP A 48 3.75 11.28 -11.45
N VAL A 49 4.49 10.30 -10.92
CA VAL A 49 4.20 9.75 -9.55
C VAL A 49 5.47 9.79 -8.75
N SER A 50 5.57 10.73 -7.79
CA SER A 50 6.79 10.98 -7.02
C SER A 50 6.44 11.16 -5.54
N PRO A 51 7.34 10.75 -4.65
CA PRO A 51 7.17 11.02 -3.21
C PRO A 51 7.51 12.51 -2.91
N PHE A 52 6.70 13.14 -2.04
CA PHE A 52 7.05 14.47 -1.48
C PHE A 52 8.35 14.36 -0.73
N ASP A 53 9.16 15.44 -0.76
CA ASP A 53 10.40 15.51 0.04
C ASP A 53 10.13 15.33 1.55
N HIS A 54 9.06 15.91 2.08
CA HIS A 54 8.90 16.00 3.56
C HIS A 54 8.60 14.60 4.16
N SER A 55 8.00 13.70 3.36
CA SER A 55 7.47 12.38 3.85
C SER A 55 8.21 11.21 3.17
N ARG A 56 9.19 11.46 2.31
CA ARG A 56 9.87 10.32 1.59
C ARG A 56 10.67 9.44 2.56
N ILE A 57 10.70 8.10 2.29
CA ILE A 57 11.62 7.22 3.03
C ILE A 57 13.04 7.39 2.50
N LYS A 58 13.97 7.63 3.41
CA LYS A 58 15.41 7.64 3.11
C LYS A 58 16.09 6.28 3.34
N LEU A 59 16.83 5.82 2.33
CA LEU A 59 17.75 4.67 2.49
C LEU A 59 18.94 5.11 3.36
N HIS A 60 19.43 4.22 4.23
CA HIS A 60 20.58 4.46 5.16
C HIS A 60 21.87 4.19 4.39
N GLN A 61 22.18 5.04 3.40
CA GLN A 61 23.49 4.97 2.69
C GLN A 61 23.86 6.36 2.20
N GLU A 62 25.16 6.63 2.15
CA GLU A 62 25.72 7.98 1.86
C GLU A 62 25.69 8.23 0.34
N ASP A 63 25.88 7.17 -0.45
CA ASP A 63 25.92 7.22 -1.93
C ASP A 63 24.66 7.95 -2.46
N ASN A 64 23.50 7.32 -2.33
CA ASN A 64 22.23 7.87 -2.85
C ASN A 64 21.11 7.31 -1.97
N ASP A 65 20.40 8.16 -1.23
CA ASP A 65 19.40 7.71 -0.23
C ASP A 65 18.01 7.60 -0.85
N TYR A 66 17.87 7.68 -2.16
CA TYR A 66 16.53 7.86 -2.77
C TYR A 66 15.85 6.50 -3.09
N ILE A 67 14.57 6.42 -2.71
CA ILE A 67 13.60 5.38 -3.16
C ILE A 67 12.22 6.02 -3.36
N ASN A 68 11.49 5.60 -4.35
CA ASN A 68 10.10 6.07 -4.57
C ASN A 68 9.16 5.40 -3.54
N ALA A 69 9.06 5.97 -2.34
CA ALA A 69 8.31 5.45 -1.18
C ALA A 69 8.00 6.62 -0.20
N SER A 70 6.83 6.56 0.43
CA SER A 70 6.31 7.64 1.32
C SER A 70 5.85 7.04 2.65
N LEU A 71 6.08 7.77 3.76
CA LEU A 71 5.53 7.39 5.09
C LEU A 71 4.19 8.07 5.29
N ILE A 72 3.08 7.34 5.36
CA ILE A 72 1.75 7.87 5.66
C ILE A 72 1.51 7.68 7.17
N LYS A 73 1.50 8.77 7.99
CA LYS A 73 1.39 8.64 9.46
C LYS A 73 0.04 9.16 9.94
N MET A 74 -0.89 8.26 10.38
CA MET A 74 -2.28 8.65 10.69
C MET A 74 -2.38 8.83 12.23
N GLU A 75 -2.44 10.09 12.68
CA GLU A 75 -2.19 10.44 14.11
C GLU A 75 -3.35 9.96 14.98
N GLU A 76 -4.58 10.25 14.61
CA GLU A 76 -5.76 9.83 15.43
C GLU A 76 -5.96 8.31 15.39
N ALA A 77 -5.80 7.66 14.22
CA ALA A 77 -5.95 6.20 14.13
C ALA A 77 -4.77 5.46 14.76
N GLN A 78 -3.58 6.08 14.94
CA GLN A 78 -2.38 5.43 15.51
C GLN A 78 -1.95 4.28 14.59
N ARG A 79 -1.93 4.54 13.28
CA ARG A 79 -1.41 3.57 12.28
C ARG A 79 -0.43 4.28 11.35
N SER A 80 0.62 3.60 10.93
CA SER A 80 1.54 4.15 9.89
C SER A 80 1.64 3.12 8.74
N TYR A 81 1.82 3.61 7.52
CA TYR A 81 2.00 2.75 6.32
C TYR A 81 3.14 3.32 5.50
N ILE A 82 3.92 2.45 4.85
CA ILE A 82 4.81 2.89 3.76
C ILE A 82 4.15 2.51 2.44
N LEU A 83 3.87 3.49 1.56
CA LEU A 83 3.34 3.22 0.22
C LEU A 83 4.45 3.43 -0.80
N THR A 84 4.67 2.44 -1.70
CA THR A 84 5.81 2.46 -2.64
C THR A 84 5.33 1.91 -4.00
N GLN A 85 6.08 2.21 -5.05
CA GLN A 85 5.83 1.67 -6.40
C GLN A 85 6.20 0.18 -6.40
N GLY A 86 5.73 -0.57 -7.38
CA GLY A 86 6.31 -1.90 -7.65
C GLY A 86 7.80 -1.77 -8.00
N PRO A 87 8.68 -2.57 -7.39
CA PRO A 87 10.10 -2.50 -7.64
C PRO A 87 10.48 -2.69 -9.12
N LEU A 88 11.50 -1.96 -9.54
CA LEU A 88 12.08 -1.99 -10.91
C LEU A 88 13.29 -2.91 -10.88
N PRO A 89 13.75 -3.36 -12.08
CA PRO A 89 14.93 -4.21 -12.12
C PRO A 89 16.11 -3.61 -11.36
N ASN A 90 16.31 -2.30 -11.43
CA ASN A 90 17.46 -1.76 -10.68
C ASN A 90 17.10 -1.27 -9.27
N THR A 91 15.88 -1.45 -8.77
CA THR A 91 15.57 -1.06 -7.36
C THR A 91 15.12 -2.22 -6.49
N VAL A 92 15.32 -3.49 -6.92
CA VAL A 92 14.86 -4.61 -6.05
C VAL A 92 15.74 -4.66 -4.80
N GLY A 93 17.05 -4.37 -4.88
CA GLY A 93 17.93 -4.36 -3.71
C GLY A 93 17.58 -3.21 -2.77
N HIS A 94 17.29 -2.03 -3.32
CA HIS A 94 16.80 -0.86 -2.50
C HIS A 94 15.55 -1.25 -1.72
N PHE A 95 14.58 -1.88 -2.39
CA PHE A 95 13.28 -2.29 -1.82
C PHE A 95 13.53 -3.09 -0.52
N TRP A 96 14.37 -4.14 -0.62
CA TRP A 96 14.61 -5.03 0.54
C TRP A 96 15.46 -4.32 1.62
N GLU A 97 16.37 -3.43 1.24
CA GLU A 97 17.11 -2.53 2.16
C GLU A 97 16.11 -1.73 3.01
N MET A 98 15.08 -1.14 2.38
CA MET A 98 14.04 -0.38 3.07
C MET A 98 13.27 -1.26 4.06
N VAL A 99 12.79 -2.44 3.61
CA VAL A 99 12.08 -3.35 4.52
C VAL A 99 12.94 -3.63 5.77
N TRP A 100 14.23 -3.89 5.59
CA TRP A 100 15.20 -4.20 6.66
C TRP A 100 15.31 -2.97 7.59
N GLU A 101 15.62 -1.83 6.99
CA GLU A 101 15.94 -0.59 7.78
C GLU A 101 14.75 -0.07 8.58
N GLN A 102 13.53 -0.23 8.05
CA GLN A 102 12.28 0.31 8.65
C GLN A 102 11.66 -0.70 9.62
N LYS A 103 12.23 -1.91 9.73
CA LYS A 103 11.80 -2.98 10.68
C LYS A 103 10.38 -3.45 10.38
N SER A 104 9.99 -3.48 9.09
CA SER A 104 8.67 -3.95 8.68
C SER A 104 8.54 -5.47 8.91
N ARG A 105 7.35 -5.98 9.22
CA ARG A 105 7.06 -7.44 9.36
C ARG A 105 6.23 -7.94 8.17
N GLY A 106 5.68 -7.03 7.37
CA GLY A 106 4.69 -7.40 6.33
C GLY A 106 4.85 -6.59 5.06
N VAL A 107 4.81 -7.27 3.91
CA VAL A 107 4.76 -6.60 2.55
C VAL A 107 3.41 -6.97 1.98
N VAL A 108 2.62 -6.00 1.54
CA VAL A 108 1.29 -6.16 0.92
C VAL A 108 1.41 -5.81 -0.58
N MET A 109 1.16 -6.80 -1.45
CA MET A 109 1.28 -6.66 -2.93
C MET A 109 -0.12 -6.77 -3.55
N LEU A 110 -0.61 -5.75 -4.32
CA LEU A 110 -2.00 -5.72 -4.80
C LEU A 110 -2.08 -5.88 -6.33
N ASN A 111 -0.97 -6.23 -6.95
CA ASN A 111 -0.90 -6.38 -8.44
C ASN A 111 -0.31 -7.75 -8.78
N ARG A 112 -0.48 -8.15 -10.06
CA ARG A 112 0.27 -9.29 -10.65
C ARG A 112 1.50 -8.73 -11.35
N VAL A 113 2.57 -9.55 -11.46
CA VAL A 113 3.83 -9.18 -12.11
C VAL A 113 3.54 -8.78 -13.57
N MET A 114 2.65 -9.52 -14.24
CA MET A 114 2.19 -9.16 -15.61
C MET A 114 0.68 -8.86 -15.57
N GLU A 115 0.25 -7.69 -16.07
CA GLU A 115 -1.20 -7.39 -16.26
C GLU A 115 -1.34 -6.68 -17.64
N LYS A 116 -2.44 -6.91 -18.32
CA LYS A 116 -2.71 -6.24 -19.63
C LYS A 116 -1.55 -6.54 -20.63
N GLY A 117 -0.91 -7.69 -20.48
CA GLY A 117 0.24 -8.11 -21.34
C GLY A 117 1.54 -7.35 -21.17
N SER A 118 1.72 -6.57 -20.08
CA SER A 118 2.94 -5.77 -19.86
C SER A 118 3.46 -6.02 -18.44
N LEU A 119 4.73 -5.75 -18.20
CA LEU A 119 5.28 -6.00 -16.85
C LEU A 119 4.91 -4.82 -15.91
N LYS A 120 4.28 -5.10 -14.77
CA LYS A 120 3.89 -4.06 -13.80
C LYS A 120 4.84 -3.98 -12.61
N CYS A 121 5.70 -4.98 -12.39
CA CYS A 121 6.80 -4.93 -11.39
C CYS A 121 7.73 -6.13 -11.57
N ALA A 122 8.94 -6.00 -11.07
CA ALA A 122 9.99 -7.03 -11.15
C ALA A 122 9.54 -8.27 -10.36
N GLN A 123 10.05 -9.44 -10.72
CA GLN A 123 9.88 -10.67 -9.90
C GLN A 123 10.90 -10.55 -8.76
N TYR A 124 10.50 -9.98 -7.59
CA TYR A 124 11.46 -9.49 -6.58
C TYR A 124 11.56 -10.44 -5.39
N TRP A 125 10.86 -11.59 -5.44
CA TRP A 125 10.95 -12.63 -4.37
C TRP A 125 11.17 -14.00 -5.04
N PRO A 126 11.80 -14.96 -4.33
CA PRO A 126 12.09 -16.31 -4.90
C PRO A 126 10.86 -17.21 -4.97
N GLN A 127 10.80 -18.01 -6.05
CA GLN A 127 9.59 -18.81 -6.37
C GLN A 127 9.81 -20.28 -5.87
N LYS A 128 11.02 -20.66 -5.61
CA LYS A 128 11.36 -22.02 -5.10
C LYS A 128 12.26 -21.94 -3.88
N GLU A 129 11.99 -22.82 -2.92
CA GLU A 129 12.75 -22.90 -1.65
C GLU A 129 14.25 -23.00 -1.94
N GLU A 130 14.65 -23.91 -2.84
CA GLU A 130 16.08 -24.20 -3.02
C GLU A 130 16.78 -23.21 -3.96
N LYS A 131 16.09 -22.18 -4.47
CA LYS A 131 16.72 -21.13 -5.32
C LYS A 131 16.58 -19.73 -4.66
N GLU A 132 17.43 -19.45 -3.70
CA GLU A 132 17.36 -18.18 -2.95
C GLU A 132 17.85 -17.03 -3.84
N MET A 133 17.63 -15.78 -3.40
CA MET A 133 18.05 -14.57 -4.15
C MET A 133 19.08 -13.83 -3.29
N ILE A 134 20.13 -13.34 -3.92
CA ILE A 134 21.13 -12.47 -3.28
C ILE A 134 21.12 -11.11 -4.01
N PHE A 135 21.06 -10.03 -3.25
CA PHE A 135 21.06 -8.61 -3.72
C PHE A 135 22.43 -8.06 -3.35
N GLU A 136 23.36 -8.08 -4.32
CA GLU A 136 24.80 -7.81 -4.04
C GLU A 136 24.96 -6.32 -3.72
N ASP A 137 24.20 -5.44 -4.39
CA ASP A 137 24.30 -3.96 -4.14
C ASP A 137 23.95 -3.61 -2.68
N THR A 138 23.02 -4.29 -2.01
CA THR A 138 22.61 -3.98 -0.60
C THR A 138 23.02 -5.07 0.42
N ASN A 139 23.68 -6.15 0.00
CA ASN A 139 24.21 -7.20 0.92
C ASN A 139 23.09 -7.92 1.68
N LEU A 140 22.03 -8.34 0.99
CA LEU A 140 20.89 -9.07 1.58
C LEU A 140 20.69 -10.42 0.85
N LYS A 141 20.21 -11.41 1.59
CA LYS A 141 19.77 -12.72 1.07
C LYS A 141 18.33 -12.96 1.45
N LEU A 142 17.55 -13.49 0.51
CA LEU A 142 16.10 -13.69 0.64
C LEU A 142 15.79 -15.14 0.23
N THR A 143 15.16 -15.87 1.11
CA THR A 143 14.78 -17.31 0.92
C THR A 143 13.30 -17.51 1.09
N LEU A 144 12.67 -18.26 0.19
CA LEU A 144 11.27 -18.70 0.34
C LEU A 144 11.22 -19.82 1.39
N ILE A 145 10.42 -19.64 2.44
CA ILE A 145 10.27 -20.63 3.55
C ILE A 145 9.04 -21.49 3.31
N SER A 146 7.91 -20.92 2.96
CA SER A 146 6.63 -21.61 2.73
C SER A 146 5.73 -20.71 1.92
N GLU A 147 4.73 -21.30 1.29
CA GLU A 147 3.75 -20.60 0.41
C GLU A 147 2.38 -21.22 0.68
N ASP A 148 1.33 -20.43 0.91
CA ASP A 148 -0.09 -20.90 1.07
C ASP A 148 -0.94 -20.24 -0.01
N ILE A 149 -1.33 -20.97 -1.05
CA ILE A 149 -2.09 -20.42 -2.21
C ILE A 149 -3.59 -20.61 -1.99
N LYS A 150 -4.36 -19.52 -1.94
CA LYS A 150 -5.83 -19.56 -1.75
C LYS A 150 -6.47 -19.00 -3.00
N SER A 151 -7.80 -19.03 -3.07
CA SER A 151 -8.56 -18.65 -4.28
C SER A 151 -8.34 -17.16 -4.61
N TYR A 152 -8.22 -16.27 -3.61
CA TYR A 152 -8.20 -14.81 -3.88
C TYR A 152 -6.86 -14.16 -3.49
N TYR A 153 -6.01 -14.88 -2.78
CA TYR A 153 -4.70 -14.38 -2.32
C TYR A 153 -3.79 -15.55 -1.97
N THR A 154 -2.50 -15.24 -1.94
CA THR A 154 -1.38 -16.10 -1.52
C THR A 154 -0.63 -15.45 -0.35
N VAL A 155 -0.30 -16.23 0.68
CA VAL A 155 0.60 -15.77 1.76
C VAL A 155 1.88 -16.56 1.72
N ARG A 156 2.99 -15.86 1.77
CA ARG A 156 4.36 -16.44 1.77
C ARG A 156 5.11 -16.07 3.02
N GLN A 157 5.85 -17.03 3.59
CA GLN A 157 6.86 -16.78 4.63
C GLN A 157 8.22 -16.68 3.99
N LEU A 158 8.94 -15.55 4.20
CA LEU A 158 10.27 -15.27 3.62
C LEU A 158 11.28 -15.08 4.74
N GLU A 159 12.54 -15.45 4.51
CA GLU A 159 13.63 -15.17 5.45
C GLU A 159 14.55 -14.14 4.82
N LEU A 160 14.67 -12.97 5.47
CA LEU A 160 15.61 -11.93 5.02
C LEU A 160 16.82 -11.92 5.95
N GLU A 161 18.01 -12.10 5.36
CA GLU A 161 19.30 -12.11 6.07
C GLU A 161 20.12 -10.89 5.69
N ASN A 162 20.52 -10.13 6.69
CA ASN A 162 21.53 -9.07 6.55
C ASN A 162 22.90 -9.73 6.52
N LEU A 163 23.51 -9.85 5.32
CA LEU A 163 24.76 -10.65 5.13
C LEU A 163 25.92 -9.98 5.88
N THR A 164 25.77 -8.69 6.21
CA THR A 164 26.79 -7.90 6.93
C THR A 164 26.91 -8.39 8.38
N THR A 165 25.79 -8.72 9.06
CA THR A 165 25.73 -9.04 10.50
C THR A 165 25.28 -10.49 10.76
N GLN A 166 24.77 -11.17 9.72
CA GLN A 166 24.17 -12.53 9.80
C GLN A 166 22.92 -12.51 10.67
N GLU A 167 22.33 -11.35 10.97
CA GLU A 167 20.97 -11.36 11.56
C GLU A 167 19.97 -11.81 10.49
N THR A 168 18.93 -12.52 10.92
CA THR A 168 17.87 -13.10 10.08
C THR A 168 16.51 -12.66 10.64
N ARG A 169 15.55 -12.36 9.77
CA ARG A 169 14.15 -12.03 10.15
C ARG A 169 13.15 -12.75 9.23
N GLU A 170 11.98 -13.05 9.76
CA GLU A 170 10.83 -13.65 9.02
C GLU A 170 9.89 -12.52 8.56
N ILE A 171 9.79 -12.34 7.24
CA ILE A 171 8.89 -11.34 6.60
C ILE A 171 7.70 -12.07 5.99
N LEU A 172 6.48 -11.58 6.23
CA LEU A 172 5.25 -12.16 5.66
C LEU A 172 4.87 -11.39 4.37
N HIS A 173 4.70 -12.09 3.27
CA HIS A 173 4.29 -11.52 1.96
C HIS A 173 2.81 -11.81 1.71
N PHE A 174 1.94 -10.79 1.73
CA PHE A 174 0.50 -10.90 1.48
C PHE A 174 0.20 -10.44 0.06
N HIS A 175 -0.13 -11.39 -0.84
CA HIS A 175 -0.29 -11.13 -2.29
C HIS A 175 -1.73 -11.28 -2.71
N TYR A 176 -2.45 -10.17 -2.92
CA TYR A 176 -3.84 -10.18 -3.43
C TYR A 176 -3.76 -10.36 -4.96
N THR A 177 -4.24 -11.50 -5.47
CA THR A 177 -3.92 -11.98 -6.85
C THR A 177 -5.09 -11.82 -7.83
N THR A 178 -6.24 -11.34 -7.40
CA THR A 178 -7.50 -11.34 -8.20
C THR A 178 -8.07 -9.96 -8.49
N TRP A 179 -7.35 -8.85 -8.27
CA TRP A 179 -7.86 -7.52 -8.70
C TRP A 179 -7.94 -7.58 -10.23
N PRO A 180 -9.09 -7.24 -10.84
CA PRO A 180 -9.21 -7.35 -12.32
C PRO A 180 -8.29 -6.40 -13.10
N ASP A 181 -7.86 -6.81 -14.30
CA ASP A 181 -6.99 -5.97 -15.14
C ASP A 181 -7.65 -4.60 -15.40
N PHE A 182 -8.97 -4.53 -15.64
CA PHE A 182 -9.74 -3.24 -15.80
C PHE A 182 -10.79 -3.06 -14.67
N GLY A 183 -11.02 -1.82 -14.28
CA GLY A 183 -12.02 -1.51 -13.25
C GLY A 183 -11.65 -1.95 -11.82
N VAL A 184 -12.68 -2.17 -11.01
CA VAL A 184 -12.56 -2.55 -9.56
C VAL A 184 -13.39 -3.80 -9.34
N PRO A 185 -13.16 -4.59 -8.25
CA PRO A 185 -14.00 -5.77 -7.97
C PRO A 185 -15.49 -5.42 -7.80
N GLU A 186 -16.35 -6.32 -8.26
CA GLU A 186 -17.83 -6.13 -8.16
C GLU A 186 -18.27 -6.10 -6.69
N SER A 187 -17.74 -6.99 -5.86
CA SER A 187 -18.00 -7.04 -4.39
C SER A 187 -16.70 -6.78 -3.64
N PRO A 188 -16.75 -6.11 -2.45
CA PRO A 188 -15.55 -5.88 -1.67
C PRO A 188 -15.28 -7.02 -0.70
N ALA A 189 -16.07 -8.10 -0.75
CA ALA A 189 -15.98 -9.19 0.25
C ALA A 189 -14.57 -9.79 0.25
N SER A 190 -13.96 -10.10 -0.91
CA SER A 190 -12.66 -10.79 -0.89
C SER A 190 -11.55 -9.80 -0.47
N PHE A 191 -11.64 -8.53 -0.85
CA PHE A 191 -10.66 -7.49 -0.45
C PHE A 191 -10.69 -7.30 1.09
N LEU A 192 -11.86 -7.25 1.69
CA LEU A 192 -12.02 -7.13 3.20
C LEU A 192 -11.52 -8.38 3.90
N ASN A 193 -11.85 -9.60 3.42
CA ASN A 193 -11.24 -10.85 3.94
C ASN A 193 -9.72 -10.75 3.95
N PHE A 194 -9.12 -10.26 2.86
CA PHE A 194 -7.66 -10.12 2.74
C PHE A 194 -7.15 -9.12 3.80
N LEU A 195 -7.79 -7.96 3.88
CA LEU A 195 -7.39 -6.90 4.88
C LEU A 195 -7.35 -7.53 6.28
N PHE A 196 -8.37 -8.31 6.61
CA PHE A 196 -8.50 -8.94 7.96
C PHE A 196 -7.38 -9.97 8.16
N LYS A 197 -6.96 -10.69 7.10
CA LYS A 197 -5.80 -11.63 7.19
C LYS A 197 -4.51 -10.87 7.49
N VAL A 198 -4.28 -9.71 6.83
CA VAL A 198 -3.04 -8.93 7.13
C VAL A 198 -3.13 -8.47 8.61
N ARG A 199 -4.26 -7.96 9.03
CA ARG A 199 -4.39 -7.47 10.46
C ARG A 199 -4.06 -8.59 11.44
N GLU A 200 -4.63 -9.78 11.21
CA GLU A 200 -4.53 -10.95 12.12
C GLU A 200 -3.07 -11.41 12.24
N SER A 201 -2.22 -11.14 11.23
CA SER A 201 -0.80 -11.51 11.25
C SER A 201 0.07 -10.69 12.19
N GLY A 202 -0.37 -9.52 12.66
CA GLY A 202 0.50 -8.59 13.42
C GLY A 202 1.21 -7.55 12.56
N SER A 203 1.13 -7.66 11.24
CA SER A 203 1.95 -6.82 10.31
C SER A 203 1.58 -5.33 10.43
N LEU A 204 0.37 -5.00 10.91
CA LEU A 204 -0.10 -3.58 10.98
C LEU A 204 0.05 -3.02 12.40
N SER A 205 0.60 -3.79 13.31
CA SER A 205 0.56 -3.47 14.75
C SER A 205 1.78 -2.64 15.16
N PRO A 206 1.64 -1.82 16.23
CA PRO A 206 2.70 -0.88 16.59
C PRO A 206 3.97 -1.52 17.15
N GLU A 207 3.96 -2.81 17.44
CA GLU A 207 5.23 -3.45 17.87
C GLU A 207 6.23 -3.66 16.71
N HIS A 208 5.79 -3.45 15.47
CA HIS A 208 6.62 -3.63 14.25
C HIS A 208 6.75 -2.27 13.53
N GLY A 209 7.78 -2.13 12.69
CA GLY A 209 7.86 -1.02 11.74
C GLY A 209 6.63 -1.00 10.83
N PRO A 210 6.41 0.09 10.05
CA PRO A 210 5.21 0.18 9.21
C PRO A 210 5.19 -0.93 8.12
N VAL A 211 4.00 -1.45 7.87
CA VAL A 211 3.75 -2.34 6.70
C VAL A 211 4.22 -1.61 5.41
N VAL A 212 4.80 -2.38 4.47
CA VAL A 212 5.12 -1.83 3.12
C VAL A 212 4.00 -2.22 2.17
N VAL A 213 3.29 -1.27 1.53
CA VAL A 213 2.19 -1.59 0.61
C VAL A 213 2.50 -1.10 -0.79
N HIS A 214 2.30 -1.95 -1.82
CA HIS A 214 2.55 -1.53 -3.21
C HIS A 214 1.57 -2.14 -4.21
N CYS A 215 1.45 -1.44 -5.33
CA CYS A 215 0.79 -1.96 -6.56
C CYS A 215 1.77 -1.68 -7.71
N SER A 216 1.34 -1.17 -8.86
CA SER A 216 2.36 -0.72 -9.86
C SER A 216 2.91 0.68 -9.53
N ALA A 217 2.03 1.70 -9.40
CA ALA A 217 2.47 3.08 -9.05
C ALA A 217 2.49 3.33 -7.54
N GLY A 218 1.85 2.49 -6.76
CA GLY A 218 1.72 2.72 -5.30
C GLY A 218 0.81 3.88 -4.91
N ILE A 219 -0.26 4.16 -5.64
CA ILE A 219 -1.24 5.22 -5.25
C ILE A 219 -2.67 4.76 -5.39
N GLY A 220 -3.03 3.88 -6.33
CA GLY A 220 -4.43 3.55 -6.63
C GLY A 220 -4.97 2.42 -5.76
N ARG A 221 -4.72 1.16 -6.12
CA ARG A 221 -5.06 0.02 -5.23
C ARG A 221 -4.45 0.22 -3.83
N SER A 222 -3.21 0.64 -3.76
CA SER A 222 -2.48 0.87 -2.48
C SER A 222 -3.22 1.90 -1.62
N GLY A 223 -3.68 3.00 -2.24
CA GLY A 223 -4.53 4.02 -1.58
C GLY A 223 -5.82 3.42 -1.01
N THR A 224 -6.44 2.52 -1.75
CA THR A 224 -7.73 1.90 -1.35
C THR A 224 -7.51 1.05 -0.09
N PHE A 225 -6.42 0.31 -0.03
CA PHE A 225 -6.08 -0.55 1.14
C PHE A 225 -5.94 0.32 2.41
N CYS A 226 -5.06 1.34 2.39
CA CYS A 226 -4.81 2.12 3.66
C CYS A 226 -6.05 2.94 4.02
N LEU A 227 -6.77 3.50 3.06
CA LEU A 227 -7.98 4.32 3.32
C LEU A 227 -9.04 3.43 4.02
N ALA A 228 -9.28 2.22 3.50
CA ALA A 228 -10.30 1.34 4.12
C ALA A 228 -9.86 0.98 5.53
N ASP A 229 -8.61 0.56 5.72
CA ASP A 229 -8.11 0.13 7.05
C ASP A 229 -8.27 1.29 8.07
N THR A 230 -7.80 2.48 7.74
CA THR A 230 -7.83 3.64 8.69
C THR A 230 -9.30 4.00 8.99
N CYS A 231 -10.18 4.06 8.00
CA CYS A 231 -11.61 4.44 8.24
C CYS A 231 -12.28 3.43 9.20
N LEU A 232 -12.06 2.13 8.98
CA LEU A 232 -12.64 1.09 9.89
C LEU A 232 -12.05 1.22 11.30
N LEU A 233 -10.77 1.54 11.46
CA LEU A 233 -10.16 1.65 12.82
C LEU A 233 -10.79 2.87 13.51
N LEU A 234 -10.97 3.99 12.80
CA LEU A 234 -11.60 5.20 13.40
C LEU A 234 -13.05 4.90 13.84
N MET A 235 -13.79 4.08 13.11
CA MET A 235 -15.20 3.75 13.45
C MET A 235 -15.22 2.93 14.74
N ASP A 236 -14.19 2.13 15.01
CA ASP A 236 -14.00 1.32 16.27
C ASP A 236 -13.65 2.21 17.49
N LYS A 237 -12.91 3.29 17.28
CA LYS A 237 -12.29 4.10 18.36
C LYS A 237 -13.25 5.22 18.81
N ARG A 238 -14.11 5.74 17.93
CA ARG A 238 -14.88 6.99 18.21
C ARG A 238 -16.24 6.67 18.88
N LYS A 239 -16.79 7.61 19.64
CA LYS A 239 -18.14 7.47 20.23
C LYS A 239 -19.21 7.40 19.14
N ASP A 240 -19.07 8.19 18.08
CA ASP A 240 -20.08 8.28 16.99
C ASP A 240 -19.44 7.80 15.70
N PRO A 241 -19.49 6.48 15.40
CA PRO A 241 -19.01 5.95 14.13
C PRO A 241 -19.48 6.69 12.87
N SER A 242 -20.59 7.43 12.97
CA SER A 242 -21.20 8.18 11.84
C SER A 242 -20.42 9.47 11.55
N SER A 243 -19.54 9.93 12.47
CA SER A 243 -18.68 11.12 12.28
C SER A 243 -17.50 10.83 11.34
N VAL A 244 -17.22 9.56 10.97
CA VAL A 244 -16.01 9.27 10.12
C VAL A 244 -16.32 9.76 8.69
N ASP A 245 -15.52 10.68 8.17
CA ASP A 245 -15.74 11.31 6.86
C ASP A 245 -14.65 10.81 5.89
N ILE A 246 -14.99 9.88 5.01
CA ILE A 246 -13.97 9.17 4.17
C ILE A 246 -13.23 10.20 3.28
N LYS A 247 -13.90 11.24 2.78
CA LYS A 247 -13.29 12.28 1.93
C LYS A 247 -12.25 13.04 2.74
N LYS A 248 -12.55 13.36 4.02
CA LYS A 248 -11.55 14.07 4.87
C LYS A 248 -10.38 13.17 5.25
N VAL A 249 -10.60 11.88 5.49
CA VAL A 249 -9.46 10.96 5.76
C VAL A 249 -8.57 10.89 4.50
N LEU A 250 -9.16 10.77 3.31
CA LEU A 250 -8.39 10.69 2.03
C LEU A 250 -7.56 11.97 1.87
N LEU A 251 -8.16 13.14 2.10
CA LEU A 251 -7.35 14.38 1.98
C LEU A 251 -6.20 14.45 2.99
N GLU A 252 -6.41 13.97 4.24
CA GLU A 252 -5.33 13.87 5.22
C GLU A 252 -4.20 12.96 4.67
N MET A 253 -4.54 11.79 4.14
CA MET A 253 -3.53 10.85 3.58
C MET A 253 -2.79 11.46 2.38
N ARG A 254 -3.46 12.28 1.57
CA ARG A 254 -2.86 12.99 0.40
C ARG A 254 -1.88 14.09 0.85
N LYS A 255 -1.87 14.46 2.13
CA LYS A 255 -0.76 15.31 2.62
C LYS A 255 0.58 14.57 2.52
N PHE A 256 0.57 13.20 2.55
CA PHE A 256 1.82 12.42 2.67
C PHE A 256 2.27 11.74 1.33
N ARG A 257 1.35 11.44 0.44
CA ARG A 257 1.68 10.95 -0.93
C ARG A 257 0.64 11.43 -1.91
N MET A 258 1.07 11.93 -3.09
CA MET A 258 0.18 12.42 -4.14
C MET A 258 -0.69 11.32 -4.73
N GLY A 259 -1.88 11.68 -5.20
CA GLY A 259 -2.66 10.87 -6.18
C GLY A 259 -3.40 9.66 -5.62
N LEU A 260 -3.42 9.47 -4.29
CA LEU A 260 -4.02 8.27 -3.67
C LEU A 260 -5.49 8.19 -4.09
N ILE A 261 -5.92 7.03 -4.64
CA ILE A 261 -7.22 6.80 -5.31
C ILE A 261 -7.15 7.48 -6.69
N GLN A 262 -7.09 6.68 -7.73
CA GLN A 262 -6.69 7.13 -9.12
C GLN A 262 -7.92 7.38 -9.99
N THR A 263 -9.10 6.88 -9.63
CA THR A 263 -10.33 6.97 -10.45
C THR A 263 -11.54 7.17 -9.56
N ALA A 264 -12.65 7.66 -10.13
CA ALA A 264 -13.96 7.74 -9.44
C ALA A 264 -14.47 6.34 -9.06
N ASP A 265 -14.19 5.31 -9.86
CA ASP A 265 -14.58 3.91 -9.53
C ASP A 265 -13.82 3.40 -8.29
N GLN A 266 -12.50 3.70 -8.16
CA GLN A 266 -11.73 3.37 -6.93
C GLN A 266 -12.35 4.12 -5.71
N LEU A 267 -12.82 5.35 -5.91
CA LEU A 267 -13.42 6.12 -4.77
C LEU A 267 -14.72 5.40 -4.34
N ARG A 268 -15.60 5.07 -5.30
CA ARG A 268 -16.86 4.34 -4.96
C ARG A 268 -16.56 3.00 -4.29
N PHE A 269 -15.57 2.24 -4.79
CA PHE A 269 -15.21 0.92 -4.22
C PHE A 269 -14.74 1.07 -2.75
N SER A 270 -13.97 2.14 -2.45
CA SER A 270 -13.50 2.44 -1.07
C SER A 270 -14.70 2.68 -0.16
N TYR A 271 -15.67 3.50 -0.56
CA TYR A 271 -16.94 3.66 0.21
C TYR A 271 -17.62 2.31 0.45
N LEU A 272 -17.78 1.51 -0.61
CA LEU A 272 -18.47 0.19 -0.46
C LEU A 272 -17.74 -0.67 0.55
N ALA A 273 -16.40 -0.76 0.46
CA ALA A 273 -15.58 -1.58 1.37
C ALA A 273 -15.81 -1.14 2.83
N VAL A 274 -15.78 0.16 3.10
CA VAL A 274 -15.91 0.67 4.49
C VAL A 274 -17.34 0.39 4.99
N ILE A 275 -18.33 0.60 4.15
CA ILE A 275 -19.76 0.37 4.54
C ILE A 275 -19.98 -1.11 4.88
N GLU A 276 -19.51 -2.02 4.03
CA GLU A 276 -19.70 -3.48 4.27
C GLU A 276 -18.81 -3.94 5.42
N GLY A 277 -17.60 -3.39 5.56
CA GLY A 277 -16.73 -3.79 6.68
C GLY A 277 -17.30 -3.35 8.02
N ALA A 278 -17.96 -2.20 8.11
CA ALA A 278 -18.50 -1.66 9.37
C ALA A 278 -19.50 -2.65 9.98
N LYS A 279 -20.20 -3.43 9.14
CA LYS A 279 -21.18 -4.44 9.64
C LYS A 279 -20.47 -5.62 10.33
N PHE A 280 -19.14 -5.62 10.45
CA PHE A 280 -18.36 -6.45 11.43
C PHE A 280 -17.97 -5.59 12.65
N ILE A 281 -17.21 -4.50 12.44
CA ILE A 281 -16.68 -3.55 13.48
C ILE A 281 -17.77 -3.25 14.52
N MET A 282 -19.04 -3.09 14.13
CA MET A 282 -20.14 -2.64 15.04
C MET A 282 -20.85 -3.84 15.68
N GLY A 283 -20.23 -5.03 15.69
CA GLY A 283 -20.51 -6.11 16.66
C GLY A 283 -21.04 -7.39 16.04
N ASP A 284 -20.93 -7.54 14.74
CA ASP A 284 -21.51 -8.72 14.07
C ASP A 284 -20.41 -9.78 13.88
C TRS B . 7.26 15.53 8.84
C1 TRS B . 6.43 15.56 7.55
C2 TRS B . 6.45 15.86 10.09
C3 TRS B . 8.38 16.51 8.73
N TRS B . 7.95 14.19 9.01
O1 TRS B . 5.95 14.25 7.19
O2 TRS B . 5.08 15.54 9.94
O3 TRS B . 9.21 16.37 7.49
H11 TRS B . 6.98 15.90 6.82
H12 TRS B . 5.67 16.16 7.67
H21 TRS B . 6.54 16.83 10.30
H22 TRS B . 6.81 15.37 10.86
H31 TRS B . 8.96 16.42 9.51
H32 TRS B . 8.01 17.42 8.74
HN1 TRS B . 8.84 14.29 9.19
HN2 TRS B . 7.87 13.69 8.26
HN3 TRS B . 7.60 13.72 9.71
HO1 TRS B . 5.40 14.10 6.57
HO2 TRS B . 4.60 15.43 10.43
HO3 TRS B . 9.30 15.54 7.31
N1 A1ACK C . 10.52 -7.27 11.87
C4 A1ACK C . 10.54 -8.52 11.10
C5 A1ACK C . 10.85 -7.50 13.22
C6 A1ACK C . 11.11 -9.00 13.46
C7 A1ACK C . 10.58 -9.68 14.74
C8 A1ACK C . 10.79 -11.23 14.90
C10 A1ACK C . 7.37 -11.79 15.84
C13 A1ACK C . 7.85 -13.62 17.88
N A1ACK C . 10.19 -12.17 13.92
C A1ACK C . 9.00 -12.95 14.26
O A1ACK C . 8.54 -13.73 13.40
C1 A1ACK C . 10.86 -12.28 12.61
C11 A1ACK C . 6.71 -11.65 17.08
C12 A1ACK C . 6.94 -12.57 18.10
C14 A1ACK C . 8.51 -13.74 16.65
C2 A1ACK C . 11.19 -10.93 11.86
C3 A1ACK C . 10.50 -9.65 12.23
C9 A1ACK C . 8.29 -12.84 15.59
O1 A1ACK C . 10.90 -6.62 14.09
H1 A1ACK C . 10.29 -6.44 11.32
H3 A1ACK C . 9.66 -8.49 10.42
H2 A1ACK C . 11.42 -8.56 10.44
H4 A1ACK C . 12.20 -9.18 13.36
H6 A1ACK C . 11.03 -9.20 15.62
H5 A1ACK C . 9.50 -9.50 14.89
H8 A1ACK C . 10.55 -11.52 15.95
H7 A1ACK C . 11.89 -11.44 14.87
H9 A1ACK C . 7.14 -11.03 15.08
H10 A1ACK C . 8.02 -14.33 18.71
H042 A1ACK C . 10.24 -12.88 11.93
H11 A1ACK C . 11.79 -12.91 12.66
H12 A1ACK C . 6.00 -10.84 17.26
H13 A1ACK C . 6.43 -12.47 19.07
H14 A1ACK C . 9.20 -14.58 16.54
H15 A1ACK C . 11.05 -11.10 10.80
H052 A1ACK C . 12.27 -10.76 11.97
H16 A1ACK C . 9.44 -9.86 12.54
#